data_7UDM
#
_entry.id   7UDM
#
_cell.length_a   54.380
_cell.length_b   80.260
_cell.length_c   154.360
_cell.angle_alpha   90.000
_cell.angle_beta   90.000
_cell.angle_gamma   90.000
#
_symmetry.space_group_name_H-M   'P 2 21 21'
#
loop_
_entity.id
_entity.type
_entity.pdbx_description
1 polymer 'Designed helical repeat protein (DHR) RPB_PLP1_R6'
2 polymer 6xPLP
#
loop_
_entity_poly.entity_id
_entity_poly.type
_entity_poly.pdbx_seq_one_letter_code
_entity_poly.pdbx_strand_id
1 'polypeptide(L)'
;APEEERIKYVITVVEQIAKDAHRNGQEELAKLAERTAEEAKKATERGEEETLRIVYVIVVVLQIALEAHRNGQEELAKLA
LRTAEEAIKATERGEEETLRIVYVIVVVLQIALEAHRNGQEELAKLALRTAEEAIKATERGEEETLRIVYVIVVVLQIAL
EAHRNGQEELAKLALRTAEEAIKATERGEEETLRIVYVIVVVLQIALEAHRNGQEELAKLALRTAEEAIKATERGEEETE
RIVYDIVVVLQEALEAHRNGEEERAKKALDEARRRIEATERGE
;
A,B
2 'polypeptide(L)' PLPPLPPLPPLPPLPPLP C
#
# COMPACT_ATOMS: atom_id res chain seq x y z
N ALA A 1 -9.59 -26.03 -16.00
CA ALA A 1 -10.04 -24.92 -15.18
C ALA A 1 -10.95 -23.99 -15.98
N PRO A 2 -12.26 -24.07 -15.72
CA PRO A 2 -13.20 -23.20 -16.44
C PRO A 2 -12.95 -21.71 -16.18
N GLU A 3 -12.52 -21.35 -14.97
CA GLU A 3 -12.17 -19.97 -14.67
C GLU A 3 -10.95 -19.50 -15.45
N GLU A 4 -10.15 -20.43 -15.97
CA GLU A 4 -8.95 -20.12 -16.72
C GLU A 4 -9.15 -20.23 -18.22
N GLU A 5 -10.12 -21.03 -18.67
CA GLU A 5 -10.35 -21.20 -20.09
C GLU A 5 -11.15 -20.03 -20.66
N ARG A 6 -12.11 -19.52 -19.88
CA ARG A 6 -12.93 -18.40 -20.35
C ARG A 6 -12.08 -17.15 -20.55
N ILE A 7 -11.11 -16.92 -19.66
CA ILE A 7 -10.25 -15.75 -19.76
C ILE A 7 -9.32 -15.87 -20.96
N LYS A 8 -8.78 -17.07 -21.20
CA LYS A 8 -7.89 -17.27 -22.34
C LYS A 8 -8.62 -17.03 -23.66
N TYR A 9 -9.87 -17.48 -23.76
CA TYR A 9 -10.62 -17.26 -24.99
C TYR A 9 -10.90 -15.78 -25.20
N VAL A 10 -11.19 -15.04 -24.13
CA VAL A 10 -11.46 -13.61 -24.24
C VAL A 10 -10.22 -12.88 -24.77
N ILE A 11 -9.06 -13.16 -24.17
CA ILE A 11 -7.83 -12.49 -24.59
C ILE A 11 -7.43 -12.95 -25.99
N THR A 12 -7.63 -14.22 -26.32
CA THR A 12 -7.24 -14.72 -27.64
C THR A 12 -8.03 -14.05 -28.75
N VAL A 13 -9.33 -13.81 -28.53
CA VAL A 13 -10.15 -13.18 -29.56
C VAL A 13 -9.69 -11.75 -29.81
N VAL A 14 -9.44 -11.00 -28.74
CA VAL A 14 -9.03 -9.60 -28.90
C VAL A 14 -7.67 -9.51 -29.57
N GLU A 15 -6.75 -10.40 -29.21
CA GLU A 15 -5.45 -10.43 -29.88
C GLU A 15 -5.58 -10.83 -31.34
N GLN A 16 -6.58 -11.67 -31.67
CA GLN A 16 -6.83 -12.02 -33.06
C GLN A 16 -7.37 -10.82 -33.83
N ILE A 17 -8.17 -9.97 -33.18
CA ILE A 17 -8.67 -8.77 -33.84
C ILE A 17 -7.53 -7.79 -34.10
N ALA A 18 -6.59 -7.68 -33.17
CA ALA A 18 -5.46 -6.78 -33.34
C ALA A 18 -4.58 -7.20 -34.51
N LYS A 19 -4.36 -8.50 -34.67
CA LYS A 19 -3.55 -8.98 -35.78
C LYS A 19 -4.27 -8.78 -37.11
N ASP A 20 -5.59 -8.95 -37.12
CA ASP A 20 -6.35 -8.72 -38.35
C ASP A 20 -6.44 -7.24 -38.67
N ALA A 21 -6.45 -6.38 -37.65
CA ALA A 21 -6.49 -4.94 -37.89
C ALA A 21 -5.19 -4.44 -38.50
N HIS A 22 -4.06 -5.01 -38.07
CA HIS A 22 -2.76 -4.57 -38.59
C HIS A 22 -2.60 -4.96 -40.06
N ARG A 23 -3.01 -6.19 -40.42
CA ARG A 23 -2.87 -6.63 -41.80
C ARG A 23 -3.85 -5.91 -42.73
N ASN A 24 -4.95 -5.37 -42.20
CA ASN A 24 -5.91 -4.64 -43.02
C ASN A 24 -5.62 -3.14 -43.07
N GLY A 25 -4.80 -2.63 -42.16
CA GLY A 25 -4.40 -1.23 -42.18
C GLY A 25 -5.09 -0.35 -41.15
N GLN A 26 -6.07 -0.87 -40.43
CA GLN A 26 -6.77 -0.08 -39.41
C GLN A 26 -5.94 -0.09 -38.13
N GLU A 27 -5.11 0.94 -37.95
CA GLU A 27 -4.29 1.02 -36.74
C GLU A 27 -5.09 1.51 -35.54
N GLU A 28 -6.11 2.35 -35.76
CA GLU A 28 -6.98 2.73 -34.65
C GLU A 28 -7.65 1.52 -34.04
N LEU A 29 -8.10 0.58 -34.89
CA LEU A 29 -8.67 -0.66 -34.37
C LEU A 29 -7.60 -1.56 -33.75
N ALA A 30 -6.39 -1.52 -34.29
CA ALA A 30 -5.31 -2.35 -33.76
C ALA A 30 -4.85 -1.84 -32.40
N LYS A 31 -4.60 -0.54 -32.28
CA LYS A 31 -4.18 0.02 -31.00
C LYS A 31 -5.28 -0.08 -29.95
N LEU A 32 -6.54 -0.02 -30.37
CA LEU A 32 -7.64 -0.18 -29.43
C LEU A 32 -7.79 -1.62 -28.96
N ALA A 33 -7.50 -2.59 -29.85
CA ALA A 33 -7.58 -3.99 -29.46
C ALA A 33 -6.41 -4.40 -28.57
N GLU A 34 -5.20 -3.99 -28.94
CA GLU A 34 -4.02 -4.34 -28.14
C GLU A 34 -4.12 -3.79 -26.73
N ARG A 35 -4.59 -2.55 -26.59
CA ARG A 35 -4.72 -1.96 -25.26
C ARG A 35 -5.83 -2.62 -24.47
N THR A 36 -6.94 -2.97 -25.15
CA THR A 36 -8.04 -3.64 -24.46
C THR A 36 -7.64 -5.03 -23.99
N ALA A 37 -6.89 -5.76 -24.83
CA ALA A 37 -6.45 -7.10 -24.44
C ALA A 37 -5.51 -7.05 -23.24
N GLU A 38 -4.71 -5.99 -23.12
N GLU A 38 -4.74 -5.98 -23.10
CA GLU A 38 -3.81 -5.83 -21.98
CA GLU A 38 -3.83 -5.87 -21.96
C GLU A 38 -4.58 -5.43 -20.72
C GLU A 38 -4.51 -5.35 -20.71
N GLU A 39 -5.64 -4.64 -20.86
CA GLU A 39 -6.43 -4.28 -19.68
C GLU A 39 -7.13 -5.50 -19.11
N ALA A 40 -7.53 -6.45 -19.97
CA ALA A 40 -8.13 -7.68 -19.48
C ALA A 40 -7.12 -8.52 -18.71
N LYS A 41 -5.86 -8.54 -19.15
CA LYS A 41 -4.83 -9.27 -18.43
C LYS A 41 -4.60 -8.69 -17.05
N LYS A 42 -4.57 -7.36 -16.94
CA LYS A 42 -4.39 -6.73 -15.64
C LYS A 42 -5.62 -6.90 -14.76
N ALA A 43 -6.81 -6.92 -15.35
CA ALA A 43 -8.02 -7.16 -14.56
C ALA A 43 -8.08 -8.59 -14.06
N THR A 44 -7.54 -9.54 -14.84
CA THR A 44 -7.49 -10.93 -14.38
C THR A 44 -6.46 -11.10 -13.28
N GLU A 45 -5.26 -10.55 -13.47
CA GLU A 45 -4.22 -10.65 -12.46
C GLU A 45 -4.62 -9.94 -11.17
N ARG A 46 -5.25 -8.78 -11.29
CA ARG A 46 -5.71 -8.06 -10.10
C ARG A 46 -6.89 -8.78 -9.44
N GLY A 47 -7.71 -9.47 -10.23
CA GLY A 47 -8.81 -10.22 -9.67
C GLY A 47 -8.36 -11.43 -8.89
N GLU A 48 -7.29 -12.10 -9.36
N GLU A 48 -7.29 -12.09 -9.35
CA GLU A 48 -6.75 -13.24 -8.62
CA GLU A 48 -6.76 -13.24 -8.61
C GLU A 48 -6.18 -12.80 -7.27
C GLU A 48 -6.19 -12.80 -7.26
N GLU A 49 -5.51 -11.64 -7.23
CA GLU A 49 -4.98 -11.15 -5.96
C GLU A 49 -6.11 -10.65 -5.07
N GLU A 50 -7.19 -10.13 -5.65
CA GLU A 50 -8.33 -9.70 -4.86
C GLU A 50 -9.01 -10.88 -4.18
N THR A 51 -9.09 -12.02 -4.87
CA THR A 51 -9.73 -13.19 -4.30
C THR A 51 -8.94 -13.71 -3.10
N LEU A 52 -7.61 -13.68 -3.18
CA LEU A 52 -6.77 -14.19 -2.10
C LEU A 52 -6.89 -13.34 -0.84
N ARG A 53 -6.92 -12.01 -0.99
CA ARG A 53 -7.04 -11.14 0.17
C ARG A 53 -8.38 -11.32 0.86
N ILE A 54 -9.45 -11.52 0.08
CA ILE A 54 -10.77 -11.72 0.68
C ILE A 54 -10.81 -13.03 1.47
N VAL A 55 -10.24 -14.09 0.91
CA VAL A 55 -10.12 -15.35 1.66
C VAL A 55 -9.31 -15.14 2.93
N TYR A 56 -8.21 -14.39 2.82
CA TYR A 56 -7.39 -14.10 4.01
C TYR A 56 -8.21 -13.36 5.07
N VAL A 57 -9.06 -12.42 4.64
CA VAL A 57 -9.89 -11.68 5.59
C VAL A 57 -10.85 -12.63 6.29
N ILE A 58 -11.48 -13.52 5.54
CA ILE A 58 -12.47 -14.44 6.12
C ILE A 58 -11.80 -15.35 7.15
N VAL A 59 -10.56 -15.78 6.87
CA VAL A 59 -9.84 -16.62 7.81
C VAL A 59 -9.56 -15.85 9.10
N VAL A 60 -9.17 -14.58 8.99
CA VAL A 60 -8.83 -13.79 10.18
C VAL A 60 -10.06 -13.57 11.04
N VAL A 61 -11.19 -13.20 10.42
CA VAL A 61 -12.41 -12.95 11.20
C VAL A 61 -12.86 -14.23 11.88
N LEU A 62 -12.81 -15.36 11.16
CA LEU A 62 -13.15 -16.63 11.77
C LEU A 62 -12.12 -17.05 12.81
N GLN A 63 -10.84 -16.71 12.59
CA GLN A 63 -9.80 -17.03 13.57
C GLN A 63 -10.03 -16.26 14.87
N ILE A 64 -10.49 -15.02 14.78
CA ILE A 64 -10.75 -14.21 15.97
C ILE A 64 -11.91 -14.81 16.77
N ALA A 65 -12.95 -15.27 16.09
CA ALA A 65 -14.09 -15.85 16.79
C ALA A 65 -13.69 -17.09 17.57
N LEU A 66 -12.86 -17.96 16.97
CA LEU A 66 -12.41 -19.15 17.68
C LEU A 66 -11.48 -18.80 18.85
N GLU A 67 -10.64 -17.77 18.67
CA GLU A 67 -9.74 -17.37 19.73
C GLU A 67 -10.48 -16.67 20.87
N ALA A 68 -11.42 -15.78 20.52
CA ALA A 68 -12.16 -15.05 21.55
C ALA A 68 -13.02 -16.00 22.39
N HIS A 69 -13.52 -17.08 21.78
CA HIS A 69 -14.30 -18.05 22.55
C HIS A 69 -13.42 -18.77 23.56
N ARG A 70 -12.20 -19.14 23.17
CA ARG A 70 -11.30 -19.82 24.09
C ARG A 70 -10.82 -18.90 25.21
N ASN A 71 -10.73 -17.60 24.94
CA ASN A 71 -10.27 -16.65 25.95
C ASN A 71 -11.38 -16.22 26.91
N GLY A 72 -12.63 -16.63 26.66
CA GLY A 72 -13.73 -16.36 27.55
C GLY A 72 -14.68 -15.27 27.10
N GLN A 73 -14.18 -14.31 26.31
CA GLN A 73 -15.01 -13.20 25.83
C GLN A 73 -15.98 -13.71 24.79
N GLU A 74 -17.24 -13.95 25.19
CA GLU A 74 -18.22 -14.52 24.29
C GLU A 74 -18.89 -13.47 23.41
N GLU A 75 -19.11 -12.27 23.95
CA GLU A 75 -19.77 -11.22 23.18
C GLU A 75 -18.94 -10.82 21.96
N LEU A 76 -17.61 -10.90 22.08
CA LEU A 76 -16.74 -10.62 20.95
C LEU A 76 -16.74 -11.76 19.94
N ALA A 77 -16.89 -13.00 20.40
CA ALA A 77 -16.95 -14.13 19.48
C ALA A 77 -18.21 -14.10 18.63
N LYS A 78 -19.35 -13.77 19.23
CA LYS A 78 -20.58 -13.65 18.46
C LYS A 78 -20.50 -12.49 17.47
N LEU A 79 -19.86 -11.40 17.87
CA LEU A 79 -19.73 -10.25 16.97
C LEU A 79 -18.85 -10.60 15.78
N ALA A 80 -17.78 -11.38 16.01
CA ALA A 80 -16.93 -11.80 14.90
C ALA A 80 -17.65 -12.79 14.00
N LEU A 81 -18.45 -13.68 14.59
CA LEU A 81 -19.24 -14.61 13.79
C LEU A 81 -20.26 -13.88 12.93
N ARG A 82 -20.92 -12.87 13.50
CA ARG A 82 -21.84 -12.05 12.71
C ARG A 82 -21.09 -11.27 11.63
N THR A 83 -19.89 -10.78 11.96
CA THR A 83 -19.08 -10.09 10.97
C THR A 83 -18.60 -11.02 9.87
N ALA A 84 -18.24 -12.25 10.24
CA ALA A 84 -17.78 -13.23 9.25
C ALA A 84 -18.91 -13.64 8.32
N GLU A 85 -20.12 -13.80 8.84
CA GLU A 85 -21.25 -14.21 7.99
C GLU A 85 -21.55 -13.15 6.93
N GLU A 86 -21.51 -11.87 7.31
CA GLU A 86 -21.74 -10.80 6.35
C GLU A 86 -20.60 -10.68 5.35
N ALA A 87 -19.37 -10.94 5.78
CA ALA A 87 -18.25 -10.98 4.84
C ALA A 87 -18.42 -12.08 3.81
N ILE A 88 -18.97 -13.23 4.23
CA ILE A 88 -19.25 -14.30 3.29
C ILE A 88 -20.37 -13.90 2.33
N LYS A 89 -21.43 -13.28 2.86
CA LYS A 89 -22.52 -12.82 2.00
C LYS A 89 -22.04 -11.74 1.04
N ALA A 90 -21.13 -10.87 1.49
CA ALA A 90 -20.57 -9.85 0.61
C ALA A 90 -19.74 -10.48 -0.51
N THR A 91 -18.98 -11.54 -0.19
CA THR A 91 -18.16 -12.18 -1.21
C THR A 91 -19.02 -12.92 -2.23
N GLU A 92 -20.09 -13.58 -1.76
CA GLU A 92 -20.98 -14.28 -2.68
C GLU A 92 -21.67 -13.31 -3.63
N ARG A 93 -22.04 -12.13 -3.14
CA ARG A 93 -22.60 -11.11 -4.02
C ARG A 93 -21.57 -10.62 -5.02
N GLY A 94 -20.30 -10.49 -4.59
CA GLY A 94 -19.25 -10.11 -5.51
C GLY A 94 -19.00 -11.17 -6.57
N GLU A 95 -19.21 -12.45 -6.24
CA GLU A 95 -19.06 -13.51 -7.22
C GLU A 95 -20.11 -13.40 -8.32
N GLU A 96 -21.37 -13.18 -7.93
CA GLU A 96 -22.41 -12.98 -8.93
C GLU A 96 -22.23 -11.67 -9.68
N GLU A 97 -21.70 -10.64 -9.01
CA GLU A 97 -21.39 -9.39 -9.68
C GLU A 97 -20.27 -9.59 -10.70
N THR A 98 -19.24 -10.35 -10.34
CA THR A 98 -18.16 -10.63 -11.28
C THR A 98 -18.66 -11.48 -12.45
N LEU A 99 -19.55 -12.45 -12.16
CA LEU A 99 -20.04 -13.31 -13.22
C LEU A 99 -20.87 -12.55 -14.25
N ARG A 100 -21.60 -11.52 -13.81
CA ARG A 100 -22.36 -10.69 -14.75
C ARG A 100 -21.46 -9.74 -15.52
N ILE A 101 -20.39 -9.25 -14.90
CA ILE A 101 -19.47 -8.35 -15.60
C ILE A 101 -18.72 -9.11 -16.69
N VAL A 102 -18.35 -10.36 -16.42
CA VAL A 102 -17.69 -11.16 -17.45
C VAL A 102 -18.60 -11.36 -18.65
N TYR A 103 -19.88 -11.63 -18.40
CA TYR A 103 -20.84 -11.76 -19.49
C TYR A 103 -20.99 -10.46 -20.26
N VAL A 104 -20.89 -9.31 -19.56
CA VAL A 104 -20.92 -8.02 -20.25
C VAL A 104 -19.78 -7.92 -21.26
N ILE A 105 -18.56 -8.28 -20.84
CA ILE A 105 -17.41 -8.17 -21.72
C ILE A 105 -17.51 -9.16 -22.88
N VAL A 106 -18.00 -10.37 -22.61
CA VAL A 106 -18.09 -11.39 -23.66
C VAL A 106 -19.07 -10.96 -24.74
N VAL A 107 -20.20 -10.39 -24.34
CA VAL A 107 -21.20 -9.95 -25.32
C VAL A 107 -20.65 -8.81 -26.17
N VAL A 108 -19.99 -7.84 -25.54
CA VAL A 108 -19.46 -6.70 -26.28
C VAL A 108 -18.39 -7.17 -27.26
N LEU A 109 -17.46 -8.01 -26.79
CA LEU A 109 -16.43 -8.54 -27.67
C LEU A 109 -17.01 -9.42 -28.77
N GLN A 110 -18.11 -10.11 -28.48
CA GLN A 110 -18.80 -10.85 -29.53
C GLN A 110 -19.37 -9.91 -30.58
N ILE A 111 -19.86 -8.75 -30.16
CA ILE A 111 -20.30 -7.72 -31.10
C ILE A 111 -19.12 -7.23 -31.93
N ALA A 112 -17.98 -6.98 -31.27
CA ALA A 112 -16.80 -6.50 -31.99
C ALA A 112 -16.27 -7.57 -32.93
N LEU A 113 -16.29 -8.85 -32.51
CA LEU A 113 -15.80 -9.91 -33.38
C LEU A 113 -16.69 -10.05 -34.61
N GLU A 114 -18.01 -9.96 -34.45
CA GLU A 114 -18.91 -10.08 -35.58
C GLU A 114 -18.89 -8.83 -36.46
N ALA A 115 -18.77 -7.65 -35.84
CA ALA A 115 -18.74 -6.42 -36.61
C ALA A 115 -17.48 -6.33 -37.46
N HIS A 116 -16.33 -6.68 -36.89
CA HIS A 116 -15.09 -6.67 -37.66
C HIS A 116 -15.09 -7.76 -38.73
N ARG A 117 -15.74 -8.89 -38.47
CA ARG A 117 -15.78 -9.96 -39.45
C ARG A 117 -16.74 -9.67 -40.59
N ASN A 118 -17.79 -8.88 -40.34
CA ASN A 118 -18.77 -8.54 -41.36
C ASN A 118 -18.48 -7.21 -42.06
N GLY A 119 -17.39 -6.53 -41.68
CA GLY A 119 -16.96 -5.33 -42.35
C GLY A 119 -17.26 -4.03 -41.62
N GLN A 120 -18.20 -4.05 -40.68
CA GLN A 120 -18.57 -2.84 -39.93
C GLN A 120 -17.40 -2.46 -39.02
N GLU A 121 -16.42 -1.78 -39.61
CA GLU A 121 -15.24 -1.37 -38.85
C GLU A 121 -15.55 -0.27 -37.85
N GLU A 122 -16.49 0.62 -38.18
CA GLU A 122 -16.88 1.67 -37.25
C GLU A 122 -17.63 1.10 -36.05
N LEU A 123 -18.43 0.04 -36.27
CA LEU A 123 -19.11 -0.60 -35.17
C LEU A 123 -18.15 -1.43 -34.32
N ALA A 124 -17.16 -2.06 -34.96
CA ALA A 124 -16.16 -2.82 -34.22
C ALA A 124 -15.33 -1.92 -33.32
N LYS A 125 -14.92 -0.76 -33.82
CA LYS A 125 -14.17 0.18 -32.99
C LYS A 125 -15.01 0.69 -31.83
N LEU A 126 -16.31 0.94 -32.07
CA LEU A 126 -17.19 1.37 -31.00
C LEU A 126 -17.33 0.30 -29.93
N ALA A 127 -17.40 -0.97 -30.34
CA ALA A 127 -17.53 -2.04 -29.36
C ALA A 127 -16.27 -2.21 -28.53
N LEU A 128 -15.10 -2.17 -29.17
CA LEU A 128 -13.85 -2.37 -28.45
C LEU A 128 -13.62 -1.28 -27.42
N ARG A 129 -13.93 -0.02 -27.77
CA ARG A 129 -13.74 1.06 -26.81
C ARG A 129 -14.74 0.98 -25.66
N THR A 130 -15.95 0.47 -25.91
CA THR A 130 -16.87 0.19 -24.83
C THR A 130 -16.37 -0.97 -23.98
N ALA A 131 -15.79 -1.99 -24.61
CA ALA A 131 -15.22 -3.11 -23.87
C ALA A 131 -14.05 -2.66 -23.00
N GLU A 132 -13.23 -1.75 -23.52
CA GLU A 132 -12.10 -1.25 -22.73
C GLU A 132 -12.59 -0.45 -21.53
N GLU A 133 -13.59 0.40 -21.72
CA GLU A 133 -14.14 1.16 -20.60
C GLU A 133 -14.78 0.25 -19.56
N ALA A 134 -15.39 -0.85 -20.00
CA ALA A 134 -15.95 -1.81 -19.06
C ALA A 134 -14.85 -2.49 -18.25
N ILE A 135 -13.73 -2.81 -18.90
CA ILE A 135 -12.61 -3.43 -18.19
C ILE A 135 -11.95 -2.41 -17.26
N LYS A 136 -11.77 -1.17 -17.73
CA LYS A 136 -11.19 -0.14 -16.87
C LYS A 136 -12.08 0.13 -15.67
N ALA A 137 -13.40 0.20 -15.87
CA ALA A 137 -14.32 0.36 -14.75
C ALA A 137 -14.24 -0.82 -13.80
N THR A 138 -14.02 -2.03 -14.34
CA THR A 138 -13.86 -3.20 -13.48
C THR A 138 -12.58 -3.11 -12.66
N GLU A 139 -11.49 -2.65 -13.29
CA GLU A 139 -10.23 -2.48 -12.56
C GLU A 139 -10.38 -1.45 -11.45
N ARG A 140 -11.09 -0.35 -11.71
CA ARG A 140 -11.33 0.64 -10.68
C ARG A 140 -12.14 0.05 -9.53
N GLY A 141 -13.06 -0.87 -9.83
CA GLY A 141 -13.77 -1.57 -8.77
C GLY A 141 -12.91 -2.56 -8.03
N GLU A 142 -11.96 -3.20 -8.72
CA GLU A 142 -11.05 -4.13 -8.07
C GLU A 142 -10.11 -3.38 -7.12
N GLU A 143 -9.52 -2.28 -7.60
CA GLU A 143 -8.66 -1.48 -6.73
C GLU A 143 -9.43 -0.92 -5.54
N GLU A 144 -10.70 -0.55 -5.76
CA GLU A 144 -11.52 0.00 -4.69
C GLU A 144 -11.86 -1.08 -3.66
N THR A 145 -12.11 -2.30 -4.12
CA THR A 145 -12.35 -3.41 -3.19
C THR A 145 -11.10 -3.70 -2.38
N LEU A 146 -9.92 -3.66 -3.02
CA LEU A 146 -8.68 -3.86 -2.29
C LEU A 146 -8.47 -2.77 -1.24
N ARG A 147 -8.90 -1.54 -1.56
CA ARG A 147 -8.86 -0.47 -0.57
C ARG A 147 -9.82 -0.76 0.58
N ILE A 148 -10.99 -1.33 0.28
CA ILE A 148 -11.92 -1.70 1.33
C ILE A 148 -11.36 -2.86 2.15
N VAL A 149 -10.72 -3.83 1.49
CA VAL A 149 -10.11 -4.95 2.20
C VAL A 149 -9.05 -4.45 3.17
N TYR A 150 -8.24 -3.48 2.75
CA TYR A 150 -7.24 -2.91 3.65
C TYR A 150 -7.89 -2.27 4.87
N VAL A 151 -9.01 -1.57 4.68
CA VAL A 151 -9.73 -1.00 5.82
C VAL A 151 -10.15 -2.10 6.79
N ILE A 152 -10.62 -3.23 6.28
CA ILE A 152 -11.03 -4.32 7.14
C ILE A 152 -9.82 -4.93 7.85
N VAL A 153 -8.74 -5.18 7.11
CA VAL A 153 -7.56 -5.84 7.69
C VAL A 153 -6.97 -5.01 8.81
N VAL A 154 -6.84 -3.70 8.60
CA VAL A 154 -6.30 -2.83 9.65
C VAL A 154 -7.17 -2.86 10.88
N VAL A 155 -8.50 -2.82 10.68
CA VAL A 155 -9.41 -2.85 11.81
C VAL A 155 -9.37 -4.20 12.52
N LEU A 156 -9.22 -5.28 11.76
CA LEU A 156 -9.13 -6.61 12.37
C LEU A 156 -7.88 -6.73 13.23
N GLN A 157 -6.78 -6.12 12.80
CA GLN A 157 -5.55 -6.18 13.58
C GLN A 157 -5.69 -5.42 14.89
N ILE A 158 -6.41 -4.29 14.87
CA ILE A 158 -6.64 -3.53 16.10
C ILE A 158 -7.48 -4.34 17.08
N ALA A 159 -8.51 -5.03 16.59
CA ALA A 159 -9.36 -5.82 17.46
C ALA A 159 -8.60 -6.98 18.08
N LEU A 160 -7.69 -7.61 17.31
CA LEU A 160 -6.94 -8.73 17.85
C LEU A 160 -5.93 -8.28 18.90
N GLU A 161 -5.26 -7.15 18.66
CA GLU A 161 -4.32 -6.62 19.65
C GLU A 161 -5.05 -6.15 20.90
N ALA A 162 -6.21 -5.51 20.72
CA ALA A 162 -6.98 -5.06 21.87
C ALA A 162 -7.55 -6.23 22.66
N HIS A 163 -7.93 -7.31 21.96
CA HIS A 163 -8.44 -8.48 22.64
C HIS A 163 -7.36 -9.14 23.50
N ARG A 164 -6.14 -9.28 22.95
CA ARG A 164 -5.06 -9.89 23.70
C ARG A 164 -4.54 -9.00 24.81
N ASN A 165 -4.74 -7.68 24.71
CA ASN A 165 -4.37 -6.74 25.76
C ASN A 165 -5.48 -6.55 26.78
N GLY A 166 -6.56 -7.32 26.69
CA GLY A 166 -7.67 -7.20 27.60
C GLY A 166 -8.57 -6.01 27.36
N GLN A 167 -8.36 -5.29 26.25
N GLN A 167 -8.37 -5.30 26.24
CA GLN A 167 -9.19 -4.13 25.91
CA GLN A 167 -9.19 -4.14 25.90
C GLN A 167 -10.34 -4.61 25.02
C GLN A 167 -10.34 -4.60 25.01
N GLU A 168 -11.39 -5.11 25.67
CA GLU A 168 -12.54 -5.62 24.94
C GLU A 168 -13.36 -4.49 24.33
N GLU A 169 -13.40 -3.33 24.98
CA GLU A 169 -14.14 -2.20 24.42
C GLU A 169 -13.61 -1.83 23.03
N LEU A 170 -12.29 -1.71 22.89
CA LEU A 170 -11.71 -1.40 21.59
C LEU A 170 -11.87 -2.56 20.61
N ALA A 171 -11.81 -3.80 21.10
CA ALA A 171 -11.98 -4.95 20.21
C ALA A 171 -13.39 -5.01 19.64
N LYS A 172 -14.40 -4.82 20.49
CA LYS A 172 -15.77 -4.80 20.01
C LYS A 172 -16.03 -3.60 19.12
N LEU A 173 -15.49 -2.44 19.49
CA LEU A 173 -15.67 -1.24 18.68
C LEU A 173 -14.99 -1.37 17.32
N ALA A 174 -13.84 -2.05 17.27
CA ALA A 174 -13.19 -2.29 15.99
C ALA A 174 -14.01 -3.23 15.12
N LEU A 175 -14.38 -4.40 15.65
CA LEU A 175 -15.18 -5.34 14.87
C LEU A 175 -16.46 -4.70 14.37
N ARG A 176 -17.08 -3.83 15.17
CA ARG A 176 -18.26 -3.11 14.70
C ARG A 176 -17.90 -2.19 13.54
N THR A 177 -16.72 -1.58 13.59
CA THR A 177 -16.27 -0.76 12.46
C THR A 177 -16.02 -1.63 11.23
N ALA A 178 -15.37 -2.78 11.41
CA ALA A 178 -15.21 -3.71 10.30
C ALA A 178 -16.54 -4.28 9.83
N GLU A 179 -17.50 -4.42 10.75
CA GLU A 179 -18.81 -4.92 10.38
C GLU A 179 -19.53 -3.96 9.45
N GLU A 180 -19.55 -2.67 9.81
CA GLU A 180 -20.23 -1.67 8.98
C GLU A 180 -19.54 -1.51 7.63
N ALA A 181 -18.23 -1.69 7.56
CA ALA A 181 -17.53 -1.62 6.29
C ALA A 181 -17.97 -2.74 5.36
N ILE A 182 -18.29 -3.90 5.91
CA ILE A 182 -18.81 -4.99 5.09
C ILE A 182 -20.26 -4.70 4.68
N LYS A 183 -21.07 -4.16 5.60
CA LYS A 183 -22.44 -3.80 5.25
C LYS A 183 -22.45 -2.71 4.18
N ALA A 184 -21.54 -1.75 4.26
CA ALA A 184 -21.48 -0.70 3.25
C ALA A 184 -21.06 -1.28 1.90
N THR A 185 -20.14 -2.24 1.90
CA THR A 185 -19.76 -2.89 0.65
C THR A 185 -20.90 -3.70 0.05
N GLU A 186 -21.72 -4.32 0.91
CA GLU A 186 -22.88 -5.07 0.41
C GLU A 186 -23.87 -4.14 -0.30
N ARG A 187 -24.18 -3.00 0.32
CA ARG A 187 -25.12 -2.06 -0.30
C ARG A 187 -24.57 -1.52 -1.61
N GLY A 188 -23.26 -1.33 -1.71
CA GLY A 188 -22.67 -0.94 -2.98
C GLY A 188 -22.74 -2.04 -4.02
N GLU A 189 -22.62 -3.30 -3.59
CA GLU A 189 -22.75 -4.41 -4.53
C GLU A 189 -24.19 -4.55 -5.01
N GLU A 190 -25.17 -4.27 -4.15
CA GLU A 190 -26.56 -4.35 -4.56
C GLU A 190 -26.90 -3.31 -5.62
N GLU A 191 -26.44 -2.07 -5.41
CA GLU A 191 -26.69 -1.02 -6.40
C GLU A 191 -25.91 -1.27 -7.69
N THR A 192 -24.72 -1.84 -7.59
CA THR A 192 -23.95 -2.17 -8.78
C THR A 192 -24.61 -3.30 -9.57
N LEU A 193 -25.16 -4.29 -8.87
CA LEU A 193 -25.82 -5.41 -9.54
C LEU A 193 -27.03 -4.93 -10.34
N ARG A 194 -27.74 -3.93 -9.82
CA ARG A 194 -28.87 -3.36 -10.54
C ARG A 194 -28.40 -2.64 -11.81
N ILE A 195 -27.25 -1.98 -11.74
CA ILE A 195 -26.73 -1.27 -12.91
C ILE A 195 -26.21 -2.26 -13.95
N VAL A 196 -25.46 -3.27 -13.52
CA VAL A 196 -24.86 -4.22 -14.45
C VAL A 196 -25.94 -5.00 -15.19
N TYR A 197 -26.99 -5.42 -14.48
CA TYR A 197 -28.09 -6.11 -15.14
C TYR A 197 -28.74 -5.21 -16.19
N VAL A 198 -28.90 -3.93 -15.87
CA VAL A 198 -29.45 -2.99 -16.84
C VAL A 198 -28.56 -2.90 -18.08
N ILE A 199 -27.25 -2.96 -17.89
CA ILE A 199 -26.33 -2.89 -19.02
C ILE A 199 -26.37 -4.19 -19.82
N VAL A 200 -26.58 -5.33 -19.15
CA VAL A 200 -26.69 -6.59 -19.87
C VAL A 200 -27.87 -6.57 -20.83
N VAL A 201 -29.01 -6.04 -20.39
CA VAL A 201 -30.19 -5.97 -21.25
C VAL A 201 -29.91 -5.14 -22.49
N VAL A 202 -29.24 -3.99 -22.32
CA VAL A 202 -28.98 -3.11 -23.45
C VAL A 202 -27.99 -3.75 -24.41
N LEU A 203 -26.99 -4.47 -23.89
CA LEU A 203 -26.01 -5.11 -24.75
C LEU A 203 -26.60 -6.28 -25.52
N GLN A 204 -27.57 -6.98 -24.94
CA GLN A 204 -28.24 -8.05 -25.67
C GLN A 204 -29.09 -7.50 -26.81
N ILE A 205 -29.57 -6.27 -26.69
CA ILE A 205 -30.30 -5.64 -27.79
C ILE A 205 -29.38 -5.41 -28.98
N ALA A 206 -28.18 -4.88 -28.72
CA ALA A 206 -27.26 -4.56 -29.81
C ALA A 206 -26.77 -5.84 -30.49
N LEU A 207 -26.54 -6.90 -29.73
CA LEU A 207 -26.06 -8.15 -30.32
C LEU A 207 -27.11 -8.77 -31.24
N GLU A 208 -28.37 -8.79 -30.80
CA GLU A 208 -29.43 -9.34 -31.63
C GLU A 208 -29.74 -8.44 -32.82
N ALA A 209 -29.70 -7.11 -32.60
CA ALA A 209 -30.01 -6.18 -33.68
C ALA A 209 -28.96 -6.25 -34.79
N HIS A 210 -27.68 -6.45 -34.42
CA HIS A 210 -26.64 -6.57 -35.42
C HIS A 210 -26.79 -7.86 -36.23
N ARG A 211 -27.17 -8.95 -35.56
CA ARG A 211 -27.36 -10.22 -36.27
C ARG A 211 -28.58 -10.19 -37.17
N ASN A 212 -29.56 -9.36 -36.85
CA ASN A 212 -30.77 -9.23 -37.66
C ASN A 212 -30.68 -8.10 -38.69
N GLY A 213 -29.58 -7.35 -38.70
CA GLY A 213 -29.39 -6.30 -39.67
C GLY A 213 -29.79 -4.91 -39.23
N GLN A 214 -30.22 -4.73 -37.98
CA GLN A 214 -30.56 -3.41 -37.47
C GLN A 214 -29.28 -2.74 -36.96
N GLU A 215 -28.52 -2.20 -37.92
CA GLU A 215 -27.23 -1.59 -37.58
C GLU A 215 -27.42 -0.32 -36.78
N GLU A 216 -28.41 0.51 -37.13
CA GLU A 216 -28.64 1.75 -36.40
C GLU A 216 -29.08 1.47 -34.97
N LEU A 217 -29.91 0.45 -34.77
CA LEU A 217 -30.31 0.08 -33.41
C LEU A 217 -29.13 -0.50 -32.63
N ALA A 218 -28.27 -1.26 -33.31
CA ALA A 218 -27.12 -1.85 -32.63
C ALA A 218 -26.14 -0.78 -32.15
N LYS A 219 -25.89 0.23 -32.98
CA LYS A 219 -24.96 1.29 -32.58
C LYS A 219 -25.52 2.12 -31.42
N LEU A 220 -26.82 2.43 -31.46
CA LEU A 220 -27.41 3.25 -30.41
C LEU A 220 -27.47 2.50 -29.09
N ALA A 221 -27.78 1.21 -29.12
CA ALA A 221 -27.79 0.42 -27.89
C ALA A 221 -26.39 0.29 -27.32
N LEU A 222 -25.41 -0.03 -28.18
CA LEU A 222 -24.03 -0.11 -27.73
C LEU A 222 -23.54 1.23 -27.22
N ARG A 223 -23.97 2.33 -27.84
CA ARG A 223 -23.61 3.65 -27.37
C ARG A 223 -24.26 3.96 -26.03
N THR A 224 -25.50 3.47 -25.82
CA THR A 224 -26.18 3.70 -24.55
C THR A 224 -25.46 3.00 -23.40
N ALA A 225 -24.97 1.78 -23.65
CA ALA A 225 -24.23 1.07 -22.61
C ALA A 225 -22.89 1.74 -22.30
N GLU A 226 -22.33 2.47 -23.27
CA GLU A 226 -21.07 3.15 -23.04
C GLU A 226 -21.24 4.28 -22.01
N GLU A 227 -22.23 5.15 -22.23
CA GLU A 227 -22.46 6.24 -21.28
C GLU A 227 -22.96 5.74 -19.94
N ALA A 228 -23.64 4.57 -19.92
CA ALA A 228 -24.04 3.98 -18.65
C ALA A 228 -22.82 3.54 -17.85
N ILE A 229 -21.81 2.98 -18.53
CA ILE A 229 -20.57 2.63 -17.85
C ILE A 229 -19.82 3.88 -17.44
N LYS A 230 -19.77 4.88 -18.32
CA LYS A 230 -19.06 6.11 -18.00
C LYS A 230 -19.74 6.86 -16.86
N ALA A 231 -21.07 6.88 -16.84
CA ALA A 231 -21.78 7.51 -15.73
C ALA A 231 -21.57 6.76 -14.42
N THR A 232 -21.42 5.43 -14.50
CA THR A 232 -21.12 4.66 -13.29
C THR A 232 -19.71 4.94 -12.77
N GLU A 233 -18.76 5.19 -13.69
CA GLU A 233 -17.40 5.51 -13.26
C GLU A 233 -17.36 6.83 -12.52
N ARG A 234 -18.06 7.85 -13.03
CA ARG A 234 -18.05 9.16 -12.39
C ARG A 234 -18.63 9.09 -10.98
N GLY A 235 -19.66 8.27 -10.78
CA GLY A 235 -20.21 8.09 -9.44
C GLY A 235 -19.26 7.35 -8.52
N GLU A 236 -18.51 6.40 -9.06
CA GLU A 236 -17.54 5.66 -8.25
C GLU A 236 -16.37 6.53 -7.83
N GLU A 237 -16.05 7.56 -8.62
CA GLU A 237 -14.96 8.45 -8.27
C GLU A 237 -15.25 9.20 -6.97
N GLU A 238 -16.50 9.58 -6.75
CA GLU A 238 -16.87 10.23 -5.49
C GLU A 238 -16.74 9.26 -4.31
N THR A 239 -17.12 8.00 -4.52
CA THR A 239 -17.01 7.01 -3.45
C THR A 239 -15.54 6.77 -3.06
N GLU A 240 -14.63 6.86 -4.03
CA GLU A 240 -13.21 6.70 -3.73
C GLU A 240 -12.71 7.82 -2.82
N ARG A 241 -13.27 9.03 -2.97
CA ARG A 241 -12.85 10.15 -2.14
C ARG A 241 -13.19 9.93 -0.67
N ILE A 242 -14.34 9.32 -0.40
CA ILE A 242 -14.74 9.10 0.99
C ILE A 242 -13.90 8.01 1.64
N VAL A 243 -13.56 6.97 0.89
CA VAL A 243 -12.76 5.87 1.44
C VAL A 243 -11.38 6.36 1.87
N TYR A 244 -10.76 7.22 1.05
CA TYR A 244 -9.47 7.78 1.43
C TYR A 244 -9.59 8.61 2.71
N ASP A 245 -10.72 9.30 2.87
CA ASP A 245 -10.95 10.04 4.11
C ASP A 245 -11.12 9.11 5.29
N ILE A 246 -11.56 7.88 5.06
CA ILE A 246 -11.68 6.90 6.14
C ILE A 246 -10.33 6.28 6.47
N VAL A 247 -9.48 6.08 5.47
CA VAL A 247 -8.17 5.46 5.71
C VAL A 247 -7.32 6.36 6.61
N VAL A 248 -7.42 7.68 6.43
CA VAL A 248 -6.67 8.60 7.27
C VAL A 248 -7.14 8.51 8.71
N VAL A 249 -8.43 8.24 8.94
CA VAL A 249 -8.94 8.09 10.29
C VAL A 249 -8.43 6.79 10.92
N LEU A 250 -8.33 5.73 10.12
CA LEU A 250 -7.81 4.46 10.66
C LEU A 250 -6.34 4.58 11.03
N GLN A 251 -5.56 5.33 10.24
CA GLN A 251 -4.16 5.56 10.59
C GLN A 251 -4.04 6.34 11.89
N GLU A 252 -4.97 7.26 12.15
CA GLU A 252 -4.99 7.94 13.44
C GLU A 252 -5.32 6.98 14.56
N ALA A 253 -6.24 6.04 14.32
CA ALA A 253 -6.57 5.04 15.33
C ALA A 253 -5.40 4.09 15.56
N LEU A 254 -4.68 3.73 14.49
CA LEU A 254 -3.50 2.88 14.65
C LEU A 254 -2.42 3.58 15.47
N GLU A 255 -2.15 4.85 15.17
CA GLU A 255 -1.11 5.58 15.87
C GLU A 255 -1.49 5.85 17.32
N ALA A 256 -2.78 6.08 17.59
CA ALA A 256 -3.22 6.30 18.97
C ALA A 256 -3.17 5.01 19.79
N HIS A 257 -3.43 3.87 19.15
CA HIS A 257 -3.40 2.59 19.87
C HIS A 257 -1.98 2.15 20.16
N ARG A 258 -1.07 2.33 19.20
CA ARG A 258 0.31 1.89 19.41
C ARG A 258 1.02 2.76 20.44
N ASN A 259 0.61 4.02 20.58
CA ASN A 259 1.21 4.94 21.54
C ASN A 259 0.50 4.93 22.89
N GLY A 260 -0.45 4.01 23.09
CA GLY A 260 -1.09 3.85 24.37
C GLY A 260 -2.33 4.69 24.59
N GLU A 261 -2.52 5.75 23.82
CA GLU A 261 -3.68 6.63 23.96
C GLU A 261 -4.91 5.88 23.42
N GLU A 262 -5.46 5.00 24.27
CA GLU A 262 -6.59 4.18 23.85
C GLU A 262 -7.88 5.00 23.72
N GLU A 263 -8.00 6.09 24.48
CA GLU A 263 -9.20 6.91 24.37
C GLU A 263 -9.27 7.61 23.02
N ARG A 264 -8.13 8.06 22.51
CA ARG A 264 -8.11 8.68 21.18
C ARG A 264 -8.35 7.64 20.08
N ALA A 265 -7.86 6.41 20.26
CA ALA A 265 -8.09 5.38 19.26
C ALA A 265 -9.55 4.95 19.21
N LYS A 266 -10.24 4.98 20.35
CA LYS A 266 -11.65 4.62 20.36
C LYS A 266 -12.49 5.71 19.69
N LYS A 267 -12.17 6.97 19.95
CA LYS A 267 -12.88 8.08 19.31
C LYS A 267 -12.63 8.10 17.81
N ALA A 268 -11.45 7.65 17.37
CA ALA A 268 -11.14 7.63 15.94
C ALA A 268 -11.94 6.54 15.24
N LEU A 269 -11.96 5.33 15.81
CA LEU A 269 -12.74 4.25 15.20
C LEU A 269 -14.23 4.56 15.25
N ASP A 270 -14.68 5.32 16.25
CA ASP A 270 -16.08 5.70 16.32
C ASP A 270 -16.44 6.70 15.23
N GLU A 271 -15.59 7.71 15.03
CA GLU A 271 -15.82 8.67 13.95
C GLU A 271 -15.78 8.00 12.59
N ALA A 272 -14.92 6.99 12.42
CA ALA A 272 -14.87 6.26 11.16
C ALA A 272 -16.13 5.44 10.94
N ARG A 273 -16.75 4.94 12.02
CA ARG A 273 -17.95 4.14 11.86
C ARG A 273 -19.12 4.97 11.36
N ARG A 274 -19.28 6.19 11.87
CA ARG A 274 -20.35 7.06 11.40
C ARG A 274 -20.19 7.39 9.92
N ARG A 275 -18.94 7.56 9.47
CA ARG A 275 -18.71 7.86 8.07
C ARG A 275 -19.03 6.66 7.17
N ILE A 276 -18.73 5.45 7.64
CA ILE A 276 -18.97 4.26 6.86
C ILE A 276 -20.47 4.02 6.69
N GLU A 277 -21.24 4.22 7.75
CA GLU A 277 -22.69 4.01 7.68
C GLU A 277 -23.36 5.00 6.73
N ALA A 278 -22.77 6.18 6.58
CA ALA A 278 -23.32 7.23 5.72
C ALA A 278 -22.94 7.06 4.25
N THR A 279 -22.00 6.17 3.93
CA THR A 279 -21.54 6.04 2.54
C THR A 279 -22.64 5.46 1.65
N GLU A 280 -23.31 4.41 2.10
CA GLU A 280 -24.38 3.81 1.32
C GLU A 280 -25.71 3.82 2.07
N PRO B 2 25.02 -3.44 -6.37
CA PRO B 2 24.49 -3.47 -5.00
C PRO B 2 22.98 -3.33 -4.94
N GLU B 3 22.40 -2.55 -5.86
CA GLU B 3 20.96 -2.39 -5.88
C GLU B 3 20.25 -3.70 -6.24
N GLU B 4 20.86 -4.53 -7.08
CA GLU B 4 20.28 -5.82 -7.44
C GLU B 4 21.15 -7.02 -7.07
N GLU B 5 22.47 -6.88 -7.11
CA GLU B 5 23.37 -8.01 -6.91
C GLU B 5 23.72 -8.27 -5.44
N ARG B 6 23.99 -7.22 -4.66
CA ARG B 6 24.40 -7.42 -3.28
C ARG B 6 23.28 -8.00 -2.43
N ILE B 7 22.04 -7.57 -2.68
CA ILE B 7 20.92 -8.07 -1.89
C ILE B 7 20.69 -9.55 -2.16
N LYS B 8 20.82 -9.96 -3.43
CA LYS B 8 20.69 -11.38 -3.75
C LYS B 8 21.79 -12.19 -3.08
N TYR B 9 23.02 -11.64 -3.03
CA TYR B 9 24.12 -12.33 -2.38
C TYR B 9 23.90 -12.46 -0.89
N VAL B 10 23.31 -11.44 -0.25
CA VAL B 10 23.07 -11.48 1.19
C VAL B 10 22.13 -12.63 1.54
N ILE B 11 21.03 -12.76 0.79
CA ILE B 11 20.07 -13.83 1.06
C ILE B 11 20.69 -15.19 0.73
N THR B 12 21.51 -15.25 -0.33
CA THR B 12 22.10 -16.51 -0.74
C THR B 12 23.05 -17.05 0.34
N VAL B 13 23.81 -16.16 0.98
CA VAL B 13 24.75 -16.60 2.01
C VAL B 13 24.00 -17.18 3.22
N VAL B 14 22.95 -16.49 3.66
CA VAL B 14 22.21 -16.94 4.83
C VAL B 14 21.48 -18.26 4.54
N GLU B 15 20.93 -18.40 3.34
CA GLU B 15 20.29 -19.65 2.95
C GLU B 15 21.31 -20.77 2.82
N GLN B 16 22.54 -20.45 2.43
CA GLN B 16 23.58 -21.46 2.37
C GLN B 16 23.97 -21.95 3.76
N ILE B 17 23.93 -21.05 4.75
CA ILE B 17 24.23 -21.46 6.12
C ILE B 17 23.14 -22.38 6.67
N ALA B 18 21.88 -22.10 6.31
CA ALA B 18 20.77 -22.92 6.81
C ALA B 18 20.85 -24.35 6.27
N LYS B 19 21.22 -24.50 5.00
CA LYS B 19 21.32 -25.85 4.43
C LYS B 19 22.49 -26.62 5.04
N ASP B 20 23.60 -25.92 5.31
CA ASP B 20 24.74 -26.58 5.95
C ASP B 20 24.49 -26.86 7.42
N ALA B 21 23.68 -26.03 8.08
CA ALA B 21 23.42 -26.24 9.50
C ALA B 21 22.60 -27.51 9.75
N HIS B 22 21.63 -27.78 8.87
CA HIS B 22 20.80 -28.97 9.05
C HIS B 22 21.60 -30.24 8.81
N ARG B 23 22.42 -30.27 7.76
CA ARG B 23 23.21 -31.46 7.45
C ARG B 23 24.33 -31.70 8.45
N ASN B 24 24.77 -30.66 9.16
CA ASN B 24 25.79 -30.81 10.19
C ASN B 24 25.23 -31.07 11.57
N GLY B 25 23.94 -30.83 11.79
CA GLY B 25 23.29 -31.12 13.05
C GLY B 25 23.00 -29.92 13.91
N GLN B 26 23.45 -28.73 13.53
CA GLN B 26 23.19 -27.52 14.32
C GLN B 26 21.81 -27.01 13.96
N GLU B 27 20.81 -27.39 14.76
CA GLU B 27 19.45 -26.94 14.52
C GLU B 27 19.23 -25.50 14.98
N GLU B 28 19.91 -25.07 16.04
CA GLU B 28 19.85 -23.66 16.44
C GLU B 28 20.36 -22.75 15.34
N LEU B 29 21.46 -23.15 14.68
CA LEU B 29 21.97 -22.37 13.56
C LEU B 29 21.04 -22.40 12.37
N ALA B 30 20.34 -23.53 12.16
CA ALA B 30 19.41 -23.62 11.04
C ALA B 30 18.20 -22.73 11.26
N LYS B 31 17.60 -22.80 12.46
CA LYS B 31 16.45 -21.95 12.75
C LYS B 31 16.84 -20.48 12.80
N LEU B 32 18.07 -20.18 13.20
CA LEU B 32 18.52 -18.78 13.21
C LEU B 32 18.77 -18.26 11.81
N ALA B 33 19.27 -19.11 10.90
CA ALA B 33 19.51 -18.66 9.54
C ALA B 33 18.21 -18.48 8.76
N GLU B 34 17.28 -19.43 8.90
CA GLU B 34 16.00 -19.31 8.21
C GLU B 34 15.25 -18.06 8.69
N ARG B 35 15.31 -17.77 9.98
CA ARG B 35 14.61 -16.60 10.51
C ARG B 35 15.28 -15.31 10.03
N THR B 36 16.61 -15.29 9.95
CA THR B 36 17.31 -14.11 9.46
C THR B 36 17.02 -13.86 7.99
N ALA B 37 16.99 -14.93 7.18
CA ALA B 37 16.73 -14.79 5.76
C ALA B 37 15.33 -14.22 5.50
N GLU B 38 14.34 -14.66 6.29
CA GLU B 38 12.98 -14.16 6.10
C GLU B 38 12.86 -12.70 6.48
N GLU B 39 13.64 -12.24 7.48
CA GLU B 39 13.63 -10.83 7.84
C GLU B 39 14.26 -9.96 6.76
N ALA B 40 15.29 -10.47 6.08
CA ALA B 40 15.90 -9.73 4.98
C ALA B 40 14.93 -9.57 3.82
N LYS B 41 14.14 -10.61 3.53
CA LYS B 41 13.15 -10.52 2.47
C LYS B 41 12.10 -9.47 2.78
N LYS B 42 11.63 -9.43 4.03
CA LYS B 42 10.65 -8.41 4.41
C LYS B 42 11.26 -7.02 4.44
N ALA B 43 12.55 -6.92 4.81
CA ALA B 43 13.22 -5.62 4.81
C ALA B 43 13.46 -5.12 3.39
N THR B 44 13.67 -6.03 2.44
CA THR B 44 13.87 -5.62 1.05
C THR B 44 12.57 -5.11 0.44
N GLU B 45 11.48 -5.86 0.62
CA GLU B 45 10.19 -5.43 0.07
C GLU B 45 9.72 -4.14 0.71
N ARG B 46 9.97 -3.98 2.02
CA ARG B 46 9.61 -2.72 2.68
C ARG B 46 10.45 -1.56 2.16
N GLY B 47 11.70 -1.83 1.76
CA GLY B 47 12.52 -0.77 1.19
C GLY B 47 12.04 -0.35 -0.19
N GLU B 48 11.67 -1.32 -1.02
CA GLU B 48 11.15 -0.99 -2.35
C GLU B 48 9.82 -0.25 -2.26
N GLU B 49 8.96 -0.67 -1.33
CA GLU B 49 7.71 0.06 -1.11
C GLU B 49 7.97 1.45 -0.53
N GLU B 50 9.04 1.60 0.25
CA GLU B 50 9.40 2.92 0.76
C GLU B 50 9.83 3.86 -0.36
N THR B 51 10.56 3.32 -1.35
CA THR B 51 11.02 4.15 -2.45
C THR B 51 9.85 4.66 -3.28
N LEU B 52 8.81 3.85 -3.46
CA LEU B 52 7.68 4.24 -4.28
C LEU B 52 6.91 5.40 -3.66
N ARG B 53 6.69 5.35 -2.34
CA ARG B 53 5.98 6.46 -1.68
C ARG B 53 6.82 7.73 -1.69
N ILE B 54 8.15 7.61 -1.56
CA ILE B 54 9.00 8.79 -1.66
C ILE B 54 8.88 9.41 -3.05
N VAL B 55 8.88 8.56 -4.08
CA VAL B 55 8.64 9.04 -5.45
C VAL B 55 7.26 9.70 -5.53
N TYR B 56 6.25 9.10 -4.90
CA TYR B 56 4.91 9.66 -4.90
C TYR B 56 4.90 11.07 -4.31
N VAL B 57 5.67 11.30 -3.25
CA VAL B 57 5.74 12.62 -2.64
C VAL B 57 6.38 13.62 -3.61
N ILE B 58 7.48 13.22 -4.25
CA ILE B 58 8.21 14.13 -5.13
C ILE B 58 7.35 14.54 -6.33
N VAL B 59 6.57 13.61 -6.87
CA VAL B 59 5.72 13.92 -8.02
C VAL B 59 4.67 14.96 -7.64
N VAL B 60 4.08 14.82 -6.45
CA VAL B 60 3.03 15.75 -6.03
C VAL B 60 3.62 17.15 -5.83
N VAL B 61 4.76 17.23 -5.14
CA VAL B 61 5.38 18.53 -4.88
C VAL B 61 5.80 19.20 -6.19
N LEU B 62 6.37 18.43 -7.11
CA LEU B 62 6.74 18.98 -8.41
C LEU B 62 5.51 19.36 -9.22
N GLN B 63 4.43 18.59 -9.10
CA GLN B 63 3.19 18.94 -9.80
C GLN B 63 2.61 20.24 -9.26
N ILE B 64 2.71 20.47 -7.95
CA ILE B 64 2.21 21.69 -7.36
C ILE B 64 3.01 22.89 -7.87
N ALA B 65 4.34 22.74 -7.97
CA ALA B 65 5.17 23.82 -8.47
C ALA B 65 4.81 24.19 -9.91
N LEU B 66 4.58 23.18 -10.75
CA LEU B 66 4.20 23.45 -12.13
C LEU B 66 2.80 24.06 -12.22
N GLU B 67 1.90 23.63 -11.33
CA GLU B 67 0.54 24.18 -11.34
C GLU B 67 0.52 25.61 -10.80
N ALA B 68 1.24 25.87 -9.72
CA ALA B 68 1.27 27.22 -9.15
C ALA B 68 1.93 28.21 -10.09
N HIS B 69 2.92 27.76 -10.87
CA HIS B 69 3.57 28.67 -11.83
C HIS B 69 2.61 29.05 -12.94
N ARG B 70 1.82 28.10 -13.44
CA ARG B 70 0.86 28.41 -14.50
C ARG B 70 -0.29 29.27 -13.99
N ASN B 71 -0.65 29.12 -12.71
CA ASN B 71 -1.75 29.90 -12.15
C ASN B 71 -1.35 31.30 -11.72
N GLY B 72 -0.06 31.63 -11.75
CA GLY B 72 0.43 32.94 -11.43
C GLY B 72 1.09 33.06 -10.07
N GLN B 73 0.70 32.20 -9.13
CA GLN B 73 1.26 32.24 -7.78
C GLN B 73 2.70 31.72 -7.83
N GLU B 74 3.66 32.65 -7.86
CA GLU B 74 5.05 32.27 -8.04
C GLU B 74 5.71 31.90 -6.71
N GLU B 75 5.36 32.59 -5.62
CA GLU B 75 5.99 32.31 -4.34
C GLU B 75 5.65 30.91 -3.84
N LEU B 76 4.46 30.40 -4.16
CA LEU B 76 4.13 29.03 -3.79
C LEU B 76 4.83 28.02 -4.69
N ALA B 77 5.02 28.35 -5.98
CA ALA B 77 5.75 27.47 -6.87
C ALA B 77 7.21 27.39 -6.48
N LYS B 78 7.81 28.52 -6.10
CA LYS B 78 9.19 28.52 -5.63
C LYS B 78 9.33 27.73 -4.34
N LEU B 79 8.33 27.81 -3.46
CA LEU B 79 8.37 27.06 -2.22
C LEU B 79 8.30 25.56 -2.47
N ALA B 80 7.50 25.15 -3.45
CA ALA B 80 7.43 23.72 -3.78
C ALA B 80 8.71 23.23 -4.44
N LEU B 81 9.33 24.06 -5.29
CA LEU B 81 10.60 23.68 -5.90
C LEU B 81 11.69 23.52 -4.84
N ARG B 82 11.74 24.43 -3.87
CA ARG B 82 12.68 24.27 -2.78
C ARG B 82 12.36 23.07 -1.93
N THR B 83 11.06 22.80 -1.71
CA THR B 83 10.67 21.64 -0.93
C THR B 83 10.96 20.34 -1.69
N ALA B 84 10.74 20.34 -3.01
CA ALA B 84 11.02 19.14 -3.80
C ALA B 84 12.51 18.83 -3.85
N GLU B 85 13.34 19.87 -3.99
CA GLU B 85 14.79 19.65 -4.02
C GLU B 85 15.29 19.09 -2.69
N GLU B 86 14.76 19.59 -1.57
CA GLU B 86 15.16 19.08 -0.28
C GLU B 86 14.68 17.65 -0.07
N ALA B 87 13.50 17.31 -0.61
CA ALA B 87 13.07 15.92 -0.58
C ALA B 87 14.02 15.03 -1.37
N ILE B 88 14.55 15.55 -2.48
CA ILE B 88 15.54 14.82 -3.26
C ILE B 88 16.84 14.70 -2.47
N LYS B 89 17.26 15.78 -1.81
CA LYS B 89 18.47 15.72 -0.99
C LYS B 89 18.31 14.75 0.17
N ALA B 90 17.10 14.70 0.76
CA ALA B 90 16.85 13.75 1.83
C ALA B 90 16.93 12.31 1.33
N THR B 91 16.40 12.05 0.13
CA THR B 91 16.44 10.71 -0.42
C THR B 91 17.85 10.29 -0.81
N GLU B 92 18.63 11.23 -1.37
CA GLU B 92 20.00 10.90 -1.77
C GLU B 92 20.86 10.52 -0.57
N ARG B 93 20.67 11.21 0.56
CA ARG B 93 21.37 10.80 1.78
C ARG B 93 20.87 9.44 2.25
N GLY B 94 19.56 9.19 2.12
CA GLY B 94 19.02 7.90 2.48
C GLY B 94 19.55 6.77 1.62
N GLU B 95 19.90 7.07 0.36
CA GLU B 95 20.48 6.06 -0.51
C GLU B 95 21.85 5.63 0.00
N GLU B 96 22.69 6.61 0.38
CA GLU B 96 23.99 6.28 0.96
C GLU B 96 23.83 5.66 2.35
N GLU B 97 22.78 6.05 3.08
CA GLU B 97 22.51 5.43 4.38
C GLU B 97 22.18 3.95 4.21
N THR B 98 21.35 3.62 3.21
CA THR B 98 21.04 2.22 2.94
C THR B 98 22.27 1.46 2.48
N LEU B 99 23.12 2.09 1.66
CA LEU B 99 24.32 1.42 1.15
C LEU B 99 25.30 1.08 2.26
N ARG B 100 25.37 1.92 3.30
CA ARG B 100 26.24 1.61 4.43
C ARG B 100 25.65 0.55 5.33
N ILE B 101 24.32 0.50 5.45
CA ILE B 101 23.69 -0.54 6.25
C ILE B 101 23.84 -1.90 5.59
N VAL B 102 23.74 -1.95 4.26
CA VAL B 102 23.95 -3.20 3.54
C VAL B 102 25.37 -3.70 3.73
N TYR B 103 26.35 -2.79 3.68
CA TYR B 103 27.74 -3.18 3.91
C TYR B 103 27.93 -3.72 5.33
N VAL B 104 27.19 -3.18 6.30
CA VAL B 104 27.21 -3.73 7.66
C VAL B 104 26.81 -5.19 7.64
N ILE B 105 25.71 -5.51 6.94
CA ILE B 105 25.22 -6.88 6.89
C ILE B 105 26.19 -7.78 6.15
N VAL B 106 26.81 -7.27 5.09
CA VAL B 106 27.74 -8.08 4.29
C VAL B 106 28.96 -8.45 5.12
N VAL B 107 29.48 -7.51 5.91
CA VAL B 107 30.65 -7.79 6.74
C VAL B 107 30.31 -8.84 7.80
N VAL B 108 29.14 -8.70 8.44
CA VAL B 108 28.75 -9.64 9.48
C VAL B 108 28.60 -11.04 8.90
N LEU B 109 27.91 -11.16 7.75
CA LEU B 109 27.77 -12.45 7.11
C LEU B 109 29.10 -13.01 6.64
N GLN B 110 30.03 -12.13 6.27
CA GLN B 110 31.38 -12.58 5.93
C GLN B 110 32.07 -13.16 7.17
N ILE B 111 31.83 -12.57 8.33
CA ILE B 111 32.32 -13.15 9.58
C ILE B 111 31.68 -14.51 9.82
N ALA B 112 30.36 -14.59 9.62
CA ALA B 112 29.65 -15.85 9.83
C ALA B 112 30.08 -16.91 8.82
N LEU B 113 30.29 -16.51 7.56
CA LEU B 113 30.70 -17.46 6.54
C LEU B 113 32.08 -18.05 6.85
N GLU B 114 33.00 -17.21 7.32
CA GLU B 114 34.33 -17.70 7.65
C GLU B 114 34.31 -18.49 8.97
N ALA B 115 33.51 -18.06 9.94
CA ALA B 115 33.43 -18.76 11.22
C ALA B 115 32.81 -20.14 11.04
N HIS B 116 31.75 -20.25 10.25
CA HIS B 116 31.12 -21.54 10.02
C HIS B 116 32.02 -22.47 9.22
N ARG B 117 32.83 -21.93 8.31
CA ARG B 117 33.72 -22.77 7.53
C ARG B 117 34.93 -23.22 8.32
N ASN B 118 35.35 -22.46 9.33
CA ASN B 118 36.50 -22.80 10.15
C ASN B 118 36.12 -23.55 11.43
N GLY B 119 34.83 -23.82 11.65
CA GLY B 119 34.39 -24.63 12.76
C GLY B 119 33.78 -23.86 13.91
N GLN B 120 34.04 -22.55 14.01
CA GLN B 120 33.50 -21.74 15.10
C GLN B 120 31.99 -21.61 14.91
N GLU B 121 31.27 -22.64 15.34
CA GLU B 121 29.81 -22.65 15.17
C GLU B 121 29.14 -21.64 16.09
N GLU B 122 29.72 -21.39 17.26
N GLU B 122 29.72 -21.38 17.26
CA GLU B 122 29.13 -20.42 18.18
CA GLU B 122 29.13 -20.42 18.18
C GLU B 122 29.33 -18.99 17.69
C GLU B 122 29.34 -18.98 17.73
N LEU B 123 30.46 -18.71 17.05
CA LEU B 123 30.70 -17.37 16.53
C LEU B 123 29.77 -17.05 15.36
N ALA B 124 29.48 -18.07 14.53
CA ALA B 124 28.54 -17.87 13.43
C ALA B 124 27.15 -17.56 13.96
N LYS B 125 26.71 -18.26 15.00
CA LYS B 125 25.41 -17.97 15.60
C LYS B 125 25.37 -16.55 16.17
N LEU B 126 26.47 -16.11 16.78
CA LEU B 126 26.54 -14.75 17.29
C LEU B 126 26.45 -13.74 16.15
N ALA B 127 27.08 -14.05 15.02
CA ALA B 127 27.04 -13.14 13.87
C ALA B 127 25.64 -13.06 13.29
N LEU B 128 24.96 -14.19 13.15
CA LEU B 128 23.61 -14.18 12.58
C LEU B 128 22.66 -13.35 13.43
N ARG B 129 22.79 -13.44 14.75
CA ARG B 129 21.92 -12.64 15.63
C ARG B 129 22.24 -11.15 15.52
N THR B 130 23.50 -10.80 15.29
CA THR B 130 23.84 -9.41 15.02
C THR B 130 23.33 -8.98 13.65
N ALA B 131 23.42 -9.86 12.66
CA ALA B 131 22.88 -9.56 11.35
C ALA B 131 21.37 -9.44 11.39
N GLU B 132 20.70 -10.32 12.17
CA GLU B 132 19.25 -10.25 12.28
C GLU B 132 18.82 -8.98 13.01
N GLU B 133 19.53 -8.60 14.08
CA GLU B 133 19.20 -7.37 14.79
C GLU B 133 19.41 -6.14 13.92
N ALA B 134 20.42 -6.18 13.04
CA ALA B 134 20.63 -5.07 12.12
C ALA B 134 19.48 -4.95 11.12
N ILE B 135 18.97 -6.10 10.66
CA ILE B 135 17.83 -6.07 9.74
C ILE B 135 16.57 -5.63 10.46
N LYS B 136 16.36 -6.13 11.68
CA LYS B 136 15.20 -5.71 12.47
C LYS B 136 15.24 -4.21 12.76
N ALA B 137 16.43 -3.70 13.12
CA ALA B 137 16.56 -2.26 13.34
C ALA B 137 16.31 -1.48 12.06
N THR B 138 16.69 -2.03 10.91
CA THR B 138 16.41 -1.37 9.65
C THR B 138 14.92 -1.35 9.34
N GLU B 139 14.22 -2.45 9.62
CA GLU B 139 12.77 -2.49 9.41
C GLU B 139 12.07 -1.46 10.29
N ARG B 140 12.50 -1.31 11.53
CA ARG B 140 11.91 -0.30 12.41
C ARG B 140 12.13 1.10 11.87
N GLY B 141 13.27 1.35 11.22
CA GLY B 141 13.49 2.63 10.58
C GLY B 141 12.67 2.80 9.32
N GLU B 142 12.46 1.71 8.58
CA GLU B 142 11.63 1.78 7.37
C GLU B 142 10.18 2.07 7.71
N GLU B 143 9.62 1.34 8.69
CA GLU B 143 8.23 1.58 9.09
C GLU B 143 8.03 2.99 9.61
N GLU B 144 9.00 3.52 10.36
CA GLU B 144 8.87 4.88 10.88
C GLU B 144 8.96 5.90 9.76
N THR B 145 9.85 5.66 8.78
CA THR B 145 9.92 6.56 7.62
C THR B 145 8.65 6.50 6.80
N LEU B 146 8.09 5.30 6.63
CA LEU B 146 6.82 5.16 5.90
C LEU B 146 5.70 5.91 6.61
N ARG B 147 5.70 5.89 7.96
CA ARG B 147 4.72 6.68 8.69
C ARG B 147 4.96 8.17 8.50
N ILE B 148 6.23 8.60 8.45
CA ILE B 148 6.53 10.00 8.21
C ILE B 148 6.16 10.40 6.79
N VAL B 149 6.47 9.54 5.81
CA VAL B 149 6.13 9.85 4.42
C VAL B 149 4.62 9.97 4.25
N TYR B 150 3.86 9.04 4.84
CA TYR B 150 2.41 9.12 4.79
C TYR B 150 1.91 10.41 5.44
N VAL B 151 2.52 10.79 6.56
CA VAL B 151 2.19 12.07 7.20
C VAL B 151 2.40 13.23 6.24
N ILE B 152 3.48 13.17 5.45
CA ILE B 152 3.74 14.22 4.48
C ILE B 152 2.66 14.23 3.40
N VAL B 153 2.24 13.05 2.94
CA VAL B 153 1.24 12.97 1.88
C VAL B 153 -0.06 13.62 2.33
N VAL B 154 -0.47 13.37 3.58
CA VAL B 154 -1.67 13.99 4.12
C VAL B 154 -1.52 15.51 4.14
N VAL B 155 -0.34 15.99 4.54
CA VAL B 155 -0.11 17.43 4.59
C VAL B 155 -0.13 18.04 3.19
N LEU B 156 0.42 17.32 2.20
CA LEU B 156 0.41 17.81 0.83
C LEU B 156 -1.01 17.93 0.30
N GLN B 157 -1.90 17.02 0.70
CA GLN B 157 -3.29 17.10 0.25
C GLN B 157 -3.99 18.32 0.81
N ILE B 158 -3.65 18.70 2.05
CA ILE B 158 -4.22 19.92 2.63
C ILE B 158 -3.78 21.14 1.83
N ALA B 159 -2.50 21.18 1.46
CA ALA B 159 -2.01 22.30 0.66
C ALA B 159 -2.62 22.30 -0.73
N LEU B 160 -2.84 21.10 -1.30
CA LEU B 160 -3.43 21.02 -2.64
C LEU B 160 -4.89 21.45 -2.63
N GLU B 161 -5.63 21.05 -1.59
CA GLU B 161 -7.03 21.48 -1.48
C GLU B 161 -7.13 22.98 -1.25
N ALA B 162 -6.25 23.52 -0.41
CA ALA B 162 -6.27 24.96 -0.14
C ALA B 162 -5.85 25.76 -1.36
N HIS B 163 -4.91 25.24 -2.16
CA HIS B 163 -4.50 25.94 -3.37
C HIS B 163 -5.64 26.05 -4.37
N ARG B 164 -6.38 24.95 -4.57
CA ARG B 164 -7.51 24.97 -5.49
C ARG B 164 -8.70 25.74 -4.93
N ASN B 165 -8.79 25.88 -3.61
CA ASN B 165 -9.85 26.65 -2.98
C ASN B 165 -9.51 28.13 -2.84
N GLY B 166 -8.39 28.58 -3.41
CA GLY B 166 -8.00 29.97 -3.32
C GLY B 166 -7.39 30.39 -2.00
N GLN B 167 -7.14 29.45 -1.08
CA GLN B 167 -6.53 29.73 0.20
C GLN B 167 -5.03 29.50 0.08
N GLU B 168 -4.25 30.59 0.06
CA GLU B 168 -2.83 30.50 -0.24
C GLU B 168 -1.95 30.49 1.00
N GLU B 169 -2.30 31.23 2.05
CA GLU B 169 -1.51 31.20 3.28
C GLU B 169 -1.48 29.81 3.89
N LEU B 170 -2.65 29.18 4.01
CA LEU B 170 -2.71 27.84 4.58
C LEU B 170 -2.03 26.83 3.66
N ALA B 171 -2.11 27.02 2.35
CA ALA B 171 -1.42 26.13 1.43
C ALA B 171 0.09 26.25 1.58
N LYS B 172 0.61 27.48 1.67
CA LYS B 172 2.03 27.67 1.90
C LYS B 172 2.43 27.18 3.29
N LEU B 173 1.59 27.44 4.30
CA LEU B 173 1.90 26.98 5.65
C LEU B 173 1.91 25.45 5.73
N ALA B 174 1.04 24.79 4.96
CA ALA B 174 1.08 23.33 4.89
C ALA B 174 2.36 22.87 4.20
N LEU B 175 2.66 23.42 3.02
CA LEU B 175 3.90 23.07 2.33
C LEU B 175 5.11 23.38 3.18
N ARG B 176 5.08 24.49 3.93
CA ARG B 176 6.17 24.81 4.83
C ARG B 176 6.26 23.80 5.97
N THR B 177 5.12 23.31 6.45
CA THR B 177 5.13 22.27 7.46
C THR B 177 5.70 20.96 6.90
N ALA B 178 5.29 20.60 5.68
CA ALA B 178 5.88 19.43 5.02
C ALA B 178 7.35 19.66 4.70
N GLU B 179 7.75 20.91 4.46
CA GLU B 179 9.15 21.21 4.16
C GLU B 179 10.02 20.92 5.37
N GLU B 180 9.64 21.43 6.54
CA GLU B 180 10.42 21.21 7.75
C GLU B 180 10.44 19.74 8.16
N ALA B 181 9.35 19.02 7.89
CA ALA B 181 9.33 17.59 8.20
C ALA B 181 10.36 16.82 7.37
N ILE B 182 10.61 17.26 6.14
CA ILE B 182 11.67 16.66 5.34
C ILE B 182 13.02 17.09 5.86
N LYS B 183 13.16 18.37 6.22
CA LYS B 183 14.41 18.86 6.80
C LYS B 183 14.72 18.15 8.12
N ALA B 184 13.68 17.89 8.93
CA ALA B 184 13.88 17.14 10.16
C ALA B 184 14.31 15.71 9.88
N THR B 185 13.76 15.11 8.81
CA THR B 185 14.17 13.77 8.42
C THR B 185 15.62 13.76 7.94
N GLU B 186 16.07 14.85 7.30
CA GLU B 186 17.46 14.94 6.88
C GLU B 186 18.40 14.90 8.09
N ARG B 187 18.08 15.68 9.12
CA ARG B 187 18.93 15.70 10.31
C ARG B 187 18.94 14.35 11.01
N GLY B 188 17.82 13.63 10.98
CA GLY B 188 17.80 12.28 11.53
C GLY B 188 18.65 11.31 10.74
N GLU B 189 18.71 11.47 9.42
CA GLU B 189 19.56 10.63 8.60
C GLU B 189 21.04 10.93 8.84
N GLU B 190 21.39 12.18 9.11
CA GLU B 190 22.78 12.53 9.38
C GLU B 190 23.27 11.91 10.67
N GLU B 191 22.46 11.96 11.73
CA GLU B 191 22.86 11.35 12.99
C GLU B 191 22.93 9.83 12.89
N THR B 192 22.05 9.23 12.09
CA THR B 192 22.10 7.78 11.89
C THR B 192 23.36 7.39 11.12
N LEU B 193 23.77 8.21 10.15
CA LEU B 193 24.95 7.89 9.35
C LEU B 193 26.20 7.84 10.21
N ARG B 194 26.32 8.73 11.20
CA ARG B 194 27.47 8.69 12.09
C ARG B 194 27.44 7.44 12.96
N ILE B 195 26.25 6.97 13.33
CA ILE B 195 26.14 5.76 14.15
C ILE B 195 26.52 4.54 13.33
N VAL B 196 26.05 4.44 12.10
CA VAL B 196 26.33 3.29 11.26
C VAL B 196 27.83 3.20 10.98
N TYR B 197 28.48 4.34 10.73
CA TYR B 197 29.92 4.34 10.53
C TYR B 197 30.65 3.81 11.76
N VAL B 198 30.19 4.18 12.94
CA VAL B 198 30.78 3.68 14.18
C VAL B 198 30.64 2.16 14.25
N ILE B 199 29.51 1.63 13.77
CA ILE B 199 29.29 0.19 13.80
C ILE B 199 30.18 -0.50 12.77
N VAL B 200 30.43 0.14 11.63
CA VAL B 200 31.32 -0.43 10.63
C VAL B 200 32.72 -0.61 11.18
N VAL B 201 33.20 0.39 11.94
CA VAL B 201 34.55 0.32 12.51
C VAL B 201 34.66 -0.88 13.45
N VAL B 202 33.65 -1.08 14.30
CA VAL B 202 33.72 -2.17 15.26
C VAL B 202 33.63 -3.52 14.56
N LEU B 203 32.82 -3.62 13.50
CA LEU B 203 32.70 -4.88 12.77
C LEU B 203 33.97 -5.21 12.01
N GLN B 204 34.70 -4.20 11.53
CA GLN B 204 35.97 -4.45 10.88
C GLN B 204 37.01 -4.96 11.87
N ILE B 205 36.87 -4.61 13.15
CA ILE B 205 37.75 -5.15 14.17
C ILE B 205 37.55 -6.66 14.31
N ALA B 206 36.29 -7.09 14.41
CA ALA B 206 35.99 -8.49 14.61
C ALA B 206 36.40 -9.33 13.41
N LEU B 207 36.20 -8.81 12.20
CA LEU B 207 36.58 -9.55 11.00
C LEU B 207 38.09 -9.74 10.92
N GLU B 208 38.86 -8.69 11.20
CA GLU B 208 40.31 -8.80 11.17
C GLU B 208 40.82 -9.64 12.34
N ALA B 209 40.21 -9.49 13.52
CA ALA B 209 40.67 -10.24 14.68
C ALA B 209 40.43 -11.74 14.49
N HIS B 210 39.32 -12.11 13.86
CA HIS B 210 39.05 -13.52 13.60
C HIS B 210 40.03 -14.10 12.58
N ARG B 211 40.39 -13.30 11.57
CA ARG B 211 41.34 -13.76 10.55
C ARG B 211 42.75 -13.89 11.12
N ASN B 212 43.08 -13.11 12.15
CA ASN B 212 44.39 -13.17 12.77
C ASN B 212 44.45 -14.10 13.97
N GLY B 213 43.34 -14.71 14.35
CA GLY B 213 43.32 -15.66 15.45
C GLY B 213 42.95 -15.09 16.80
N GLN B 214 42.60 -13.81 16.89
CA GLN B 214 42.17 -13.21 18.15
C GLN B 214 40.68 -13.48 18.34
N GLU B 215 40.38 -14.69 18.81
CA GLU B 215 38.99 -15.10 18.98
C GLU B 215 38.31 -14.30 20.08
N GLU B 216 39.01 -14.07 21.20
CA GLU B 216 38.41 -13.31 22.30
C GLU B 216 38.16 -11.86 21.89
N LEU B 217 39.08 -11.27 21.11
CA LEU B 217 38.87 -9.92 20.63
C LEU B 217 37.75 -9.87 19.60
N ALA B 218 37.65 -10.91 18.75
CA ALA B 218 36.60 -10.95 17.74
C ALA B 218 35.22 -11.05 18.37
N LYS B 219 35.08 -11.87 19.42
CA LYS B 219 33.79 -12.05 20.07
C LYS B 219 33.34 -10.77 20.75
N LEU B 220 34.26 -10.06 21.41
CA LEU B 220 33.90 -8.84 22.12
C LEU B 220 33.52 -7.73 21.15
N ALA B 221 34.21 -7.63 20.02
CA ALA B 221 33.88 -6.62 19.02
C ALA B 221 32.52 -6.90 18.40
N LEU B 222 32.28 -8.16 18.01
CA LEU B 222 30.99 -8.53 17.43
C LEU B 222 29.84 -8.30 18.42
N ARG B 223 30.08 -8.60 19.70
CA ARG B 223 29.06 -8.35 20.70
C ARG B 223 28.85 -6.85 20.93
N THR B 224 29.92 -6.06 20.84
CA THR B 224 29.80 -4.62 21.03
C THR B 224 28.92 -3.99 19.96
N ALA B 225 29.05 -4.45 18.72
CA ALA B 225 28.20 -3.94 17.65
C ALA B 225 26.75 -4.37 17.84
N GLU B 226 26.52 -5.50 18.52
CA GLU B 226 25.16 -5.96 18.76
C GLU B 226 24.43 -5.02 19.71
N GLU B 227 25.05 -4.71 20.85
CA GLU B 227 24.41 -3.81 21.81
C GLU B 227 24.34 -2.38 21.28
N ALA B 228 25.26 -1.99 20.39
CA ALA B 228 25.19 -0.69 19.78
C ALA B 228 23.96 -0.57 18.88
N ILE B 229 23.63 -1.64 18.16
CA ILE B 229 22.41 -1.65 17.35
C ILE B 229 21.18 -1.68 18.25
N LYS B 230 21.22 -2.50 19.30
CA LYS B 230 20.08 -2.59 20.21
C LYS B 230 19.86 -1.29 20.97
N ALA B 231 20.94 -0.61 21.36
CA ALA B 231 20.79 0.67 22.04
C ALA B 231 20.18 1.72 21.15
N THR B 232 20.45 1.66 19.84
CA THR B 232 19.81 2.58 18.91
C THR B 232 18.32 2.29 18.79
N GLU B 233 17.92 1.02 18.88
CA GLU B 233 16.52 0.66 18.82
C GLU B 233 15.74 1.23 20.01
N ARG B 234 16.32 1.13 21.21
CA ARG B 234 15.65 1.65 22.39
C ARG B 234 15.46 3.16 22.30
N GLY B 235 16.44 3.86 21.71
CA GLY B 235 16.31 5.30 21.53
C GLY B 235 15.23 5.70 20.55
N GLU B 236 14.98 4.88 19.54
CA GLU B 236 13.96 5.21 18.55
C GLU B 236 12.56 5.15 19.15
N GLU B 237 12.34 4.35 20.18
CA GLU B 237 11.04 4.31 20.82
C GLU B 237 10.69 5.64 21.45
N GLU B 238 11.68 6.32 22.03
CA GLU B 238 11.45 7.66 22.57
C GLU B 238 11.16 8.65 21.46
N THR B 239 11.86 8.53 20.33
CA THR B 239 11.62 9.43 19.21
C THR B 239 10.20 9.27 18.66
N GLU B 240 9.67 8.05 18.67
CA GLU B 240 8.30 7.86 18.21
C GLU B 240 7.31 8.55 19.14
N ARG B 241 7.60 8.60 20.44
CA ARG B 241 6.73 9.32 21.36
C ARG B 241 6.74 10.81 21.06
N ILE B 242 7.91 11.35 20.70
CA ILE B 242 8.01 12.77 20.37
C ILE B 242 7.34 13.03 19.02
N VAL B 243 7.49 12.10 18.08
CA VAL B 243 6.83 12.25 16.78
C VAL B 243 5.32 12.19 16.94
N TYR B 244 4.84 11.29 17.80
CA TYR B 244 3.40 11.21 18.06
C TYR B 244 2.87 12.50 18.67
N ASP B 245 3.67 13.18 19.49
CA ASP B 245 3.24 14.46 20.03
C ASP B 245 3.08 15.50 18.94
N ILE B 246 3.80 15.35 17.82
CA ILE B 246 3.60 16.23 16.68
C ILE B 246 2.42 15.76 15.84
N VAL B 247 2.20 14.45 15.75
CA VAL B 247 1.12 13.93 14.92
C VAL B 247 -0.24 14.36 15.46
N VAL B 248 -0.39 14.39 16.79
CA VAL B 248 -1.67 14.82 17.36
C VAL B 248 -1.97 16.27 17.00
N VAL B 249 -0.93 17.10 16.85
CA VAL B 249 -1.15 18.47 16.42
C VAL B 249 -1.61 18.51 14.97
N LEU B 250 -1.06 17.62 14.14
CA LEU B 250 -1.48 17.54 12.74
C LEU B 250 -2.91 17.00 12.64
N GLN B 251 -3.27 16.06 13.52
CA GLN B 251 -4.64 15.55 13.54
C GLN B 251 -5.64 16.64 13.91
N GLU B 252 -5.24 17.57 14.77
CA GLU B 252 -6.10 18.72 15.07
C GLU B 252 -6.28 19.61 13.85
N ALA B 253 -5.22 19.77 13.06
CA ALA B 253 -5.33 20.56 11.83
C ALA B 253 -6.24 19.86 10.81
N LEU B 254 -6.18 18.54 10.76
CA LEU B 254 -7.08 17.79 9.87
C LEU B 254 -8.53 18.00 10.25
N GLU B 255 -8.84 17.91 11.54
CA GLU B 255 -10.23 18.07 11.99
C GLU B 255 -10.72 19.49 11.82
N ALA B 256 -9.84 20.47 11.98
CA ALA B 256 -10.24 21.86 11.77
C ALA B 256 -10.43 22.19 10.30
N HIS B 257 -9.64 21.55 9.42
CA HIS B 257 -9.74 21.82 7.99
C HIS B 257 -10.97 21.17 7.37
N ARG B 258 -11.32 19.96 7.82
CA ARG B 258 -12.45 19.25 7.22
C ARG B 258 -13.78 19.93 7.53
N ASN B 259 -13.88 20.64 8.64
CA ASN B 259 -15.11 21.33 9.02
C ASN B 259 -15.17 22.76 8.50
N GLY B 260 -14.22 23.16 7.66
CA GLY B 260 -14.25 24.47 7.04
C GLY B 260 -13.53 25.55 7.82
N GLU B 261 -13.26 25.34 9.11
CA GLU B 261 -12.57 26.32 9.94
C GLU B 261 -11.11 26.38 9.53
N GLU B 262 -10.84 27.13 8.45
CA GLU B 262 -9.48 27.24 7.94
C GLU B 262 -8.59 28.08 8.85
N GLU B 263 -9.18 29.02 9.60
CA GLU B 263 -8.39 29.85 10.49
C GLU B 263 -7.84 29.04 11.65
N ARG B 264 -8.62 28.09 12.18
CA ARG B 264 -8.14 27.23 13.26
C ARG B 264 -7.08 26.27 12.77
N ALA B 265 -7.16 25.81 11.52
CA ALA B 265 -6.17 24.88 10.98
C ALA B 265 -4.81 25.53 10.82
N LYS B 266 -4.76 26.83 10.57
CA LYS B 266 -3.48 27.51 10.40
C LYS B 266 -2.70 27.58 11.71
N LYS B 267 -3.39 27.84 12.82
CA LYS B 267 -2.70 27.90 14.11
C LYS B 267 -2.15 26.53 14.50
N ALA B 268 -2.82 25.45 14.09
CA ALA B 268 -2.32 24.11 14.41
C ALA B 268 -1.09 23.77 13.58
N LEU B 269 -1.15 24.03 12.27
CA LEU B 269 0.01 23.76 11.41
C LEU B 269 1.20 24.64 11.75
N ASP B 270 0.96 25.85 12.26
CA ASP B 270 2.06 26.71 12.65
C ASP B 270 2.73 26.20 13.92
N GLU B 271 1.93 25.81 14.92
CA GLU B 271 2.49 25.23 16.14
C GLU B 271 3.21 23.93 15.86
N ALA B 272 2.72 23.14 14.90
CA ALA B 272 3.38 21.89 14.55
C ALA B 272 4.73 22.14 13.89
N ARG B 273 4.88 23.25 13.17
CA ARG B 273 6.15 23.54 12.50
C ARG B 273 7.26 23.81 13.51
N ARG B 274 6.95 24.59 14.57
CA ARG B 274 7.96 24.88 15.57
C ARG B 274 8.46 23.61 16.27
N ARG B 275 7.56 22.64 16.49
CA ARG B 275 7.99 21.40 17.12
C ARG B 275 8.87 20.57 16.18
N ILE B 276 8.55 20.59 14.88
CA ILE B 276 9.34 19.83 13.92
C ILE B 276 10.73 20.44 13.77
N GLU B 277 10.82 21.77 13.75
CA GLU B 277 12.12 22.42 13.58
C GLU B 277 13.05 22.16 14.76
N ALA B 278 12.49 21.94 15.95
CA ALA B 278 13.33 21.70 17.12
C ALA B 278 13.80 20.27 17.23
N THR B 279 13.23 19.34 16.46
CA THR B 279 13.63 17.95 16.53
C THR B 279 15.02 17.75 15.95
N GLU B 280 15.66 16.66 16.38
CA GLU B 280 17.00 16.28 15.90
C GLU B 280 18.01 17.40 16.15
N ARG B 281 18.02 17.92 17.37
CA ARG B 281 18.95 18.96 17.80
C ARG B 281 18.88 20.19 16.89
N GLY B 282 17.66 20.68 16.68
CA GLY B 282 17.43 21.85 15.85
C GLY B 282 17.37 21.53 14.37
N PRO C 3 1.49 -6.99 7.23
CA PRO C 3 1.63 -5.56 7.54
C PRO C 3 1.42 -4.67 6.31
N PRO C 4 0.17 -4.41 5.96
CA PRO C 4 -0.12 -3.58 4.78
C PRO C 4 0.04 -2.11 5.09
N LEU C 5 0.20 -1.33 4.01
CA LEU C 5 0.36 0.11 4.11
C LEU C 5 -0.88 0.83 3.57
N PRO C 6 -1.18 2.02 4.07
CA PRO C 6 -2.39 2.73 3.63
C PRO C 6 -2.31 3.09 2.15
N PRO C 7 -3.36 2.78 1.38
CA PRO C 7 -3.32 3.08 -0.05
C PRO C 7 -3.45 4.58 -0.30
N LEU C 8 -2.64 5.06 -1.22
CA LEU C 8 -2.64 6.45 -1.62
C LEU C 8 -3.50 6.66 -2.86
N PRO C 9 -4.09 7.84 -3.02
CA PRO C 9 -4.91 8.10 -4.20
C PRO C 9 -4.07 8.11 -5.46
N PRO C 10 -4.50 7.42 -6.52
CA PRO C 10 -3.72 7.40 -7.76
C PRO C 10 -3.64 8.78 -8.38
N LEU C 11 -2.43 9.22 -8.69
CA LEU C 11 -2.22 10.51 -9.31
C LEU C 11 -2.79 10.50 -10.72
N PRO C 12 -3.17 11.66 -11.26
CA PRO C 12 -3.67 11.73 -12.63
C PRO C 12 -2.64 11.20 -13.61
N PRO C 13 -3.01 10.22 -14.43
CA PRO C 13 -2.06 9.66 -15.39
C PRO C 13 -1.71 10.62 -16.51
N LEU C 14 -0.95 10.14 -17.50
CA LEU C 14 -0.51 10.99 -18.59
C LEU C 14 -1.16 10.58 -19.90
#